data_6H90
#
_entry.id   6H90
#
_cell.length_a   52.320
_cell.length_b   53.630
_cell.length_c   81.500
_cell.angle_alpha   90.00
_cell.angle_beta   90.00
_cell.angle_gamma   90.00
#
_symmetry.space_group_name_H-M   'P 21 21 21'
#
loop_
_entity.id
_entity.type
_entity.pdbx_description
1 polymer Beta-phosphoglucomutase
2 non-polymer 'MAGNESIUM ION'
3 non-polymer 'SODIUM ION'
4 non-polymer 'BERYLLIUM TRIFLUORIDE ION'
5 non-polymer 1,2-ETHANEDIOL
6 water water
#
_entity_poly.entity_id   1
_entity_poly.type   'polypeptide(L)'
_entity_poly.pdbx_seq_one_letter_code
;MFKAVLFDLDGVITDTAEYHFRAWKALAEEIGINGVDRQFNEQLKGVSREDSLQKILDLADKKVSAEEFKELAKRKNDNY
VKMIQDVSPADVYPGILQLLKDLRSNKIKIALASASKNGPFLLERMNLTGYFDAIADPAEVAASAPAPDIFIAAAHAVGV
APSESIGLEDSQAGIQAIKDSGALPIGVGRPEDLGDDIVIVPDTSHYTLEFLKEVWLQKQK
;
_entity_poly.pdbx_strand_id   A
#
loop_
_chem_comp.id
_chem_comp.type
_chem_comp.name
_chem_comp.formula
BEF non-polymer 'BERYLLIUM TRIFLUORIDE ION' 'Be F3 -1'
EDO non-polymer 1,2-ETHANEDIOL 'C2 H6 O2'
MG non-polymer 'MAGNESIUM ION' 'Mg 2'
NA non-polymer 'SODIUM ION' 'Na 1'
#
# COMPACT_ATOMS: atom_id res chain seq x y z
N MET A 1 -4.07 -26.06 0.59
CA MET A 1 -3.58 -24.86 1.32
C MET A 1 -3.28 -23.78 0.28
N PHE A 2 -3.47 -22.52 0.64
CA PHE A 2 -3.09 -21.43 -0.26
C PHE A 2 -1.61 -21.56 -0.61
N LYS A 3 -1.28 -21.04 -1.79
CA LYS A 3 0.01 -21.20 -2.41
CA LYS A 3 0.03 -21.21 -2.36
C LYS A 3 0.80 -19.90 -2.42
N ALA A 4 0.15 -18.77 -2.16
CA ALA A 4 0.87 -17.47 -2.23
C ALA A 4 0.14 -16.47 -1.33
N VAL A 5 0.90 -15.48 -0.89
CA VAL A 5 0.39 -14.31 -0.21
C VAL A 5 0.85 -13.10 -1.01
N LEU A 6 -0.12 -12.22 -1.31
CA LEU A 6 0.05 -11.02 -2.11
C LEU A 6 -0.03 -9.86 -1.13
N PHE A 7 1.11 -9.21 -0.90
CA PHE A 7 1.22 -8.16 0.10
C PHE A 7 1.10 -6.75 -0.52
N ASP A 8 0.11 -5.98 -0.05
CA ASP A 8 0.22 -4.55 -0.13
C ASP A 8 1.42 -4.14 0.76
N LEU A 9 1.98 -2.94 0.52
CA LEU A 9 3.11 -2.43 1.29
CA LEU A 9 3.11 -2.45 1.30
C LEU A 9 2.64 -1.44 2.36
N ASP A 10 2.19 -0.26 1.94
CA ASP A 10 1.81 0.76 2.90
C ASP A 10 0.59 0.29 3.71
N GLY A 11 0.72 0.31 5.03
CA GLY A 11 -0.34 -0.10 5.93
C GLY A 11 -0.33 -1.59 6.25
N VAL A 12 0.57 -2.35 5.61
CA VAL A 12 0.69 -3.77 5.84
C VAL A 12 2.11 -4.12 6.29
N ILE A 13 3.10 -3.79 5.46
CA ILE A 13 4.48 -4.07 5.78
C ILE A 13 5.09 -2.93 6.62
N THR A 14 4.76 -1.68 6.26
CA THR A 14 5.25 -0.51 6.97
C THR A 14 4.27 0.64 6.70
N ASP A 15 4.53 1.77 7.33
CA ASP A 15 3.76 2.99 7.17
C ASP A 15 4.61 4.01 6.41
N THR A 16 4.10 4.57 5.32
CA THR A 16 4.71 5.70 4.67
C THR A 16 3.87 6.95 4.85
N ALA A 17 2.74 6.84 5.54
CA ALA A 17 1.76 7.94 5.58
C ALA A 17 2.37 9.19 6.21
N GLU A 18 3.26 9.04 7.20
CA GLU A 18 3.81 10.23 7.86
C GLU A 18 4.64 11.02 6.84
N TYR A 19 5.35 10.28 5.97
CA TYR A 19 6.21 10.92 4.98
C TYR A 19 5.37 11.64 3.92
N HIS A 20 4.28 11.02 3.47
CA HIS A 20 3.36 11.70 2.56
C HIS A 20 2.82 13.00 3.17
N PHE A 21 2.42 12.93 4.44
CA PHE A 21 1.86 14.09 5.13
C PHE A 21 2.90 15.20 5.22
N ARG A 22 4.10 14.86 5.65
CA ARG A 22 5.13 15.86 5.81
C ARG A 22 5.52 16.45 4.45
N ALA A 23 5.48 15.63 3.38
CA ALA A 23 5.82 16.11 2.02
C ALA A 23 4.80 17.16 1.56
N TRP A 24 3.50 16.87 1.77
CA TRP A 24 2.43 17.82 1.42
C TRP A 24 2.52 19.09 2.27
N LYS A 25 2.77 18.93 3.58
CA LYS A 25 2.82 20.08 4.44
C LYS A 25 3.98 21.01 4.02
N ALA A 26 5.12 20.41 3.65
CA ALA A 26 6.27 21.19 3.23
C ALA A 26 5.95 21.97 1.95
N LEU A 27 5.28 21.31 1.01
CA LEU A 27 4.93 21.98 -0.24
C LEU A 27 3.96 23.14 0.03
N ALA A 28 2.94 22.87 0.87
CA ALA A 28 1.96 23.92 1.20
C ALA A 28 2.63 25.12 1.85
N GLU A 29 3.60 24.86 2.73
CA GLU A 29 4.31 25.95 3.40
C GLU A 29 5.10 26.75 2.36
N GLU A 30 5.74 26.03 1.42
CA GLU A 30 6.56 26.67 0.40
C GLU A 30 5.70 27.60 -0.48
N ILE A 31 4.46 27.20 -0.81
CA ILE A 31 3.66 28.01 -1.73
C ILE A 31 2.65 28.90 -0.99
N GLY A 32 2.70 28.88 0.35
CA GLY A 32 1.96 29.82 1.18
C GLY A 32 0.49 29.47 1.33
N ILE A 33 0.15 28.18 1.32
CA ILE A 33 -1.21 27.76 1.59
C ILE A 33 -1.29 27.27 3.03
N ASN A 34 -2.19 27.91 3.80
CA ASN A 34 -2.47 27.51 5.16
C ASN A 34 -3.42 26.33 5.20
N GLY A 35 -3.40 25.60 6.33
CA GLY A 35 -4.44 24.63 6.64
C GLY A 35 -4.07 23.18 6.37
N VAL A 36 -2.85 22.88 5.90
CA VAL A 36 -2.44 21.50 5.63
C VAL A 36 -1.85 20.95 6.93
N ASP A 37 -2.77 20.56 7.82
CA ASP A 37 -2.45 20.00 9.13
C ASP A 37 -2.85 18.51 9.14
N ARG A 38 -2.61 17.84 10.29
CA ARG A 38 -2.84 16.43 10.37
C ARG A 38 -4.31 16.07 10.11
N GLN A 39 -5.24 16.90 10.62
CA GLN A 39 -6.63 16.60 10.44
C GLN A 39 -7.01 16.74 8.96
N PHE A 40 -6.55 17.82 8.32
CA PHE A 40 -6.80 17.97 6.89
C PHE A 40 -6.25 16.79 6.09
N ASN A 41 -5.07 16.32 6.48
CA ASN A 41 -4.36 15.27 5.76
C ASN A 41 -5.19 13.98 5.71
N GLU A 42 -6.10 13.77 6.66
CA GLU A 42 -6.96 12.61 6.57
C GLU A 42 -7.76 12.57 5.25
N GLN A 43 -8.05 13.73 4.68
CA GLN A 43 -8.77 13.82 3.40
C GLN A 43 -7.90 13.41 2.21
N LEU A 44 -6.59 13.23 2.43
CA LEU A 44 -5.68 12.87 1.36
C LEU A 44 -5.40 11.36 1.37
N LYS A 45 -5.82 10.65 2.42
CA LYS A 45 -5.53 9.20 2.48
C LYS A 45 -6.37 8.45 1.43
N GLY A 46 -5.70 7.62 0.63
CA GLY A 46 -6.30 6.80 -0.41
C GLY A 46 -6.69 7.61 -1.65
N VAL A 47 -6.24 8.88 -1.71
CA VAL A 47 -6.53 9.77 -2.80
C VAL A 47 -5.26 9.89 -3.67
N SER A 48 -5.45 10.02 -4.98
CA SER A 48 -4.35 10.12 -5.90
C SER A 48 -3.52 11.38 -5.61
N ARG A 49 -2.26 11.36 -6.06
N ARG A 49 -2.26 11.37 -6.06
CA ARG A 49 -1.39 12.53 -5.89
CA ARG A 49 -1.39 12.53 -5.89
C ARG A 49 -2.05 13.80 -6.47
C ARG A 49 -2.05 13.80 -6.47
N GLU A 50 -2.66 13.67 -7.65
CA GLU A 50 -3.23 14.81 -8.34
C GLU A 50 -4.48 15.30 -7.64
N ASP A 51 -5.32 14.37 -7.18
CA ASP A 51 -6.53 14.81 -6.49
C ASP A 51 -6.17 15.42 -5.11
N SER A 52 -5.07 14.94 -4.49
CA SER A 52 -4.61 15.47 -3.22
C SER A 52 -4.09 16.89 -3.42
N LEU A 53 -3.26 17.09 -4.45
CA LEU A 53 -2.80 18.43 -4.75
C LEU A 53 -3.99 19.37 -4.96
N GLN A 54 -5.00 18.89 -5.70
CA GLN A 54 -6.15 19.77 -5.97
C GLN A 54 -6.83 20.17 -4.66
N LYS A 55 -6.99 19.24 -3.73
CA LYS A 55 -7.61 19.54 -2.44
CA LYS A 55 -7.62 19.55 -2.45
C LYS A 55 -6.82 20.64 -1.71
N ILE A 56 -5.49 20.60 -1.82
CA ILE A 56 -4.65 21.59 -1.20
C ILE A 56 -4.81 22.95 -1.90
N LEU A 57 -4.80 22.97 -3.23
CA LEU A 57 -5.01 24.23 -3.97
C LEU A 57 -6.35 24.82 -3.56
N ASP A 58 -7.37 23.98 -3.45
CA ASP A 58 -8.70 24.45 -3.13
C ASP A 58 -8.76 25.16 -1.77
N LEU A 59 -7.88 24.84 -0.82
CA LEU A 59 -7.85 25.54 0.46
C LEU A 59 -7.64 27.05 0.28
N ALA A 60 -7.01 27.45 -0.81
CA ALA A 60 -6.69 28.86 -1.06
C ALA A 60 -7.36 29.36 -2.35
N ASP A 61 -8.28 28.56 -2.90
CA ASP A 61 -8.94 28.80 -4.16
C ASP A 61 -7.88 29.11 -5.23
N LYS A 62 -6.74 28.41 -5.16
CA LYS A 62 -5.61 28.70 -6.04
C LYS A 62 -5.83 28.02 -7.39
N LYS A 63 -5.62 28.78 -8.46
CA LYS A 63 -5.75 28.30 -9.82
C LYS A 63 -4.36 28.32 -10.49
N VAL A 64 -4.01 27.20 -11.14
CA VAL A 64 -2.74 27.04 -11.77
C VAL A 64 -2.94 26.46 -13.18
N SER A 65 -1.91 26.59 -14.00
CA SER A 65 -1.83 25.98 -15.33
C SER A 65 -1.53 24.49 -15.18
N ALA A 66 -1.74 23.72 -16.24
CA ALA A 66 -1.41 22.31 -16.22
C ALA A 66 0.09 22.11 -15.93
N GLU A 67 0.94 22.98 -16.46
CA GLU A 67 2.38 22.86 -16.29
C GLU A 67 2.76 23.14 -14.83
N GLU A 68 2.14 24.19 -14.27
N GLU A 68 2.16 24.20 -14.24
CA GLU A 68 2.34 24.55 -12.88
CA GLU A 68 2.45 24.49 -12.83
C GLU A 68 1.91 23.37 -11.97
C GLU A 68 1.92 23.34 -11.95
N PHE A 69 0.75 22.77 -12.28
CA PHE A 69 0.19 21.68 -11.53
C PHE A 69 1.15 20.48 -11.50
N LYS A 70 1.67 20.14 -12.67
CA LYS A 70 2.60 19.02 -12.84
C LYS A 70 3.85 19.29 -11.99
N GLU A 71 4.34 20.53 -12.03
CA GLU A 71 5.54 20.89 -11.28
C GLU A 71 5.32 20.80 -9.77
N LEU A 72 4.16 21.24 -9.29
CA LEU A 72 3.87 21.15 -7.84
C LEU A 72 3.82 19.69 -7.42
N ALA A 73 3.16 18.83 -8.21
CA ALA A 73 3.07 17.42 -7.90
C ALA A 73 4.48 16.79 -7.88
N LYS A 74 5.34 17.19 -8.82
CA LYS A 74 6.71 16.72 -8.86
C LYS A 74 7.45 17.11 -7.59
N ARG A 75 7.32 18.38 -7.19
CA ARG A 75 8.00 18.87 -5.97
C ARG A 75 7.55 18.08 -4.73
N LYS A 76 6.25 17.79 -4.61
CA LYS A 76 5.80 16.95 -3.49
C LYS A 76 6.47 15.57 -3.55
N ASN A 77 6.51 14.97 -4.75
CA ASN A 77 7.13 13.65 -4.89
C ASN A 77 8.63 13.72 -4.50
N ASP A 78 9.30 14.78 -4.93
CA ASP A 78 10.73 14.93 -4.61
C ASP A 78 10.89 14.97 -3.07
N ASN A 79 9.98 15.70 -2.41
CA ASN A 79 9.96 15.81 -0.96
C ASN A 79 9.83 14.41 -0.34
N TYR A 80 8.85 13.64 -0.82
CA TYR A 80 8.54 12.33 -0.30
C TYR A 80 9.77 11.41 -0.46
N VAL A 81 10.38 11.41 -1.67
CA VAL A 81 11.52 10.53 -1.93
C VAL A 81 12.69 10.88 -1.01
N LYS A 82 12.91 12.16 -0.75
CA LYS A 82 13.93 12.56 0.22
C LYS A 82 13.62 12.03 1.63
N MET A 83 12.35 12.11 2.00
CA MET A 83 11.92 11.77 3.35
CA MET A 83 11.94 11.78 3.34
C MET A 83 11.97 10.26 3.60
N ILE A 84 11.85 9.43 2.57
CA ILE A 84 11.90 7.96 2.79
C ILE A 84 13.35 7.43 2.76
N GLN A 85 14.36 8.31 2.71
CA GLN A 85 15.71 7.85 2.58
C GLN A 85 16.20 7.14 3.83
N ASP A 86 15.56 7.36 4.97
CA ASP A 86 16.08 6.74 6.17
C ASP A 86 15.16 5.62 6.68
N VAL A 87 14.23 5.14 5.85
CA VAL A 87 13.46 3.97 6.22
C VAL A 87 14.45 2.84 6.53
N SER A 88 14.14 2.03 7.53
CA SER A 88 15.05 1.00 8.03
C SER A 88 14.28 -0.25 8.41
N PRO A 89 15.00 -1.34 8.76
CA PRO A 89 14.32 -2.54 9.24
C PRO A 89 13.48 -2.33 10.51
N ALA A 90 13.80 -1.30 11.29
CA ALA A 90 13.04 -1.02 12.50
C ALA A 90 11.61 -0.56 12.16
N ASP A 91 11.37 -0.18 10.90
CA ASP A 91 10.09 0.36 10.48
C ASP A 91 9.12 -0.73 10.01
N VAL A 92 9.56 -1.98 9.95
CA VAL A 92 8.70 -3.08 9.57
C VAL A 92 7.67 -3.27 10.67
N TYR A 93 6.41 -3.44 10.27
CA TYR A 93 5.36 -3.56 11.25
C TYR A 93 5.47 -4.87 12.02
N PRO A 94 4.93 -4.90 13.24
CA PRO A 94 4.97 -6.11 14.06
C PRO A 94 4.33 -7.33 13.38
N GLY A 95 5.04 -8.46 13.52
CA GLY A 95 4.57 -9.72 12.99
C GLY A 95 5.01 -10.00 11.56
N ILE A 96 5.32 -8.95 10.78
CA ILE A 96 5.44 -9.13 9.33
C ILE A 96 6.69 -9.94 8.99
N LEU A 97 7.83 -9.62 9.63
CA LEU A 97 9.03 -10.37 9.29
C LEU A 97 8.83 -11.86 9.63
N GLN A 98 8.23 -12.15 10.79
CA GLN A 98 8.04 -13.57 11.16
C GLN A 98 7.10 -14.26 10.17
N LEU A 99 6.09 -13.52 9.71
CA LEU A 99 5.16 -14.08 8.71
C LEU A 99 5.94 -14.42 7.43
N LEU A 100 6.78 -13.47 6.98
CA LEU A 100 7.58 -13.73 5.76
C LEU A 100 8.45 -14.98 5.92
N LYS A 101 9.09 -15.09 7.09
CA LYS A 101 9.94 -16.23 7.36
C LYS A 101 9.15 -17.54 7.35
N ASP A 102 7.97 -17.48 7.96
CA ASP A 102 7.13 -18.69 8.07
C ASP A 102 6.55 -19.09 6.70
N LEU A 103 6.14 -18.10 5.92
CA LEU A 103 5.69 -18.40 4.56
C LEU A 103 6.81 -19.06 3.76
N ARG A 104 8.02 -18.46 3.80
CA ARG A 104 9.16 -19.01 3.05
C ARG A 104 9.47 -20.44 3.54
N SER A 105 9.45 -20.67 4.86
N SER A 105 9.44 -20.68 4.86
CA SER A 105 9.76 -21.96 5.42
CA SER A 105 9.83 -22.01 5.36
C SER A 105 8.79 -23.03 4.89
C SER A 105 8.76 -23.06 5.02
N ASN A 106 7.54 -22.60 4.68
CA ASN A 106 6.46 -23.48 4.27
C ASN A 106 6.29 -23.49 2.73
N LYS A 107 7.25 -22.92 1.98
CA LYS A 107 7.27 -22.93 0.51
C LYS A 107 6.02 -22.26 -0.07
N ILE A 108 5.50 -21.24 0.63
CA ILE A 108 4.41 -20.43 0.15
C ILE A 108 5.02 -19.21 -0.54
N LYS A 109 4.54 -18.92 -1.75
CA LYS A 109 5.09 -17.84 -2.52
C LYS A 109 4.72 -16.49 -1.91
N ILE A 110 5.63 -15.51 -2.11
CA ILE A 110 5.47 -14.18 -1.52
C ILE A 110 5.62 -13.17 -2.65
N ALA A 111 4.60 -12.35 -2.86
CA ALA A 111 4.64 -11.34 -3.93
C ALA A 111 4.25 -9.99 -3.35
N LEU A 112 4.87 -8.95 -3.87
CA LEU A 112 4.44 -7.58 -3.55
C LEU A 112 3.41 -7.14 -4.58
N ALA A 113 2.27 -6.68 -4.05
CA ALA A 113 1.14 -6.22 -4.82
C ALA A 113 0.76 -4.84 -4.28
N SER A 114 1.67 -3.91 -4.47
CA SER A 114 1.58 -2.55 -3.95
C SER A 114 1.44 -1.56 -5.09
N ALA A 115 0.72 -0.47 -4.82
CA ALA A 115 0.65 0.64 -5.75
C ALA A 115 1.93 1.49 -5.70
N SER A 116 2.80 1.27 -4.73
CA SER A 116 3.96 2.14 -4.54
C SER A 116 4.98 1.97 -5.68
N LYS A 117 5.34 3.09 -6.31
CA LYS A 117 6.42 3.07 -7.28
C LYS A 117 7.78 3.06 -6.58
N ASN A 118 7.80 3.07 -5.23
CA ASN A 118 9.03 2.93 -4.50
C ASN A 118 9.12 1.57 -3.81
N GLY A 119 8.30 0.59 -4.23
CA GLY A 119 8.25 -0.69 -3.50
C GLY A 119 9.62 -1.35 -3.42
N PRO A 120 10.36 -1.55 -4.55
CA PRO A 120 11.64 -2.22 -4.47
C PRO A 120 12.64 -1.52 -3.55
N PHE A 121 12.67 -0.20 -3.64
CA PHE A 121 13.53 0.59 -2.79
C PHE A 121 13.18 0.38 -1.30
N LEU A 122 11.89 0.43 -0.98
CA LEU A 122 11.47 0.34 0.40
C LEU A 122 11.79 -1.06 0.92
N LEU A 123 11.53 -2.11 0.12
CA LEU A 123 11.88 -3.47 0.59
C LEU A 123 13.40 -3.59 0.83
N GLU A 124 14.23 -2.96 -0.02
CA GLU A 124 15.68 -2.99 0.21
C GLU A 124 16.01 -2.28 1.53
N ARG A 125 15.43 -1.11 1.74
CA ARG A 125 15.73 -0.36 2.96
C ARG A 125 15.33 -1.13 4.21
N MET A 126 14.28 -1.95 4.12
CA MET A 126 13.81 -2.74 5.25
C MET A 126 14.46 -4.13 5.32
N ASN A 127 15.40 -4.41 4.41
CA ASN A 127 16.11 -5.71 4.35
C ASN A 127 15.14 -6.88 4.13
N LEU A 128 14.12 -6.65 3.30
CA LEU A 128 13.08 -7.66 3.04
C LEU A 128 13.13 -8.29 1.67
N THR A 129 13.99 -7.80 0.78
CA THR A 129 13.96 -8.24 -0.63
C THR A 129 14.11 -9.75 -0.80
N GLY A 130 14.90 -10.38 0.09
CA GLY A 130 15.20 -11.78 -0.04
C GLY A 130 14.02 -12.70 0.20
N TYR A 131 12.99 -12.17 0.85
CA TYR A 131 11.79 -12.96 1.07
C TYR A 131 10.84 -12.95 -0.12
N PHE A 132 10.98 -11.98 -1.03
CA PHE A 132 9.99 -11.80 -2.08
C PHE A 132 10.34 -12.59 -3.32
N ASP A 133 9.39 -13.36 -3.81
CA ASP A 133 9.53 -14.12 -5.05
C ASP A 133 9.27 -13.24 -6.26
N ALA A 134 8.44 -12.21 -6.12
CA ALA A 134 8.17 -11.27 -7.18
C ALA A 134 7.68 -9.95 -6.60
N ILE A 135 7.85 -8.90 -7.41
CA ILE A 135 7.23 -7.60 -7.17
C ILE A 135 6.43 -7.27 -8.41
N ALA A 136 5.10 -7.09 -8.28
CA ALA A 136 4.34 -6.62 -9.41
C ALA A 136 4.61 -5.14 -9.62
N ASP A 137 4.83 -4.76 -10.88
CA ASP A 137 5.24 -3.39 -11.19
C ASP A 137 3.99 -2.55 -11.39
N PRO A 138 3.72 -1.58 -10.50
CA PRO A 138 2.51 -0.77 -10.64
C PRO A 138 2.53 0.15 -11.88
N ALA A 139 3.69 0.32 -12.50
CA ALA A 139 3.80 1.08 -13.75
C ALA A 139 3.26 0.28 -14.94
N GLU A 140 3.09 -1.04 -14.81
CA GLU A 140 2.70 -1.90 -15.95
C GLU A 140 1.21 -2.25 -15.91
N VAL A 141 0.48 -1.87 -14.89
CA VAL A 141 -0.95 -2.17 -14.88
C VAL A 141 -1.74 -1.06 -15.57
N ALA A 142 -2.88 -1.45 -16.17
CA ALA A 142 -3.74 -0.51 -16.89
C ALA A 142 -4.61 0.31 -15.94
N ALA A 143 -4.92 -0.25 -14.76
CA ALA A 143 -5.85 0.38 -13.82
C ALA A 143 -5.42 0.11 -12.38
N SER A 144 -5.64 1.10 -11.53
CA SER A 144 -5.29 1.05 -10.12
C SER A 144 -6.54 0.60 -9.32
N ALA A 145 -6.34 0.29 -8.04
CA ALA A 145 -7.46 -0.12 -7.16
C ALA A 145 -8.60 0.90 -7.31
N PRO A 146 -9.84 0.44 -7.33
CA PRO A 146 -10.30 -0.90 -6.99
C PRO A 146 -10.22 -1.94 -8.11
N ALA A 147 -9.63 -1.59 -9.28
CA ALA A 147 -9.35 -2.62 -10.28
C ALA A 147 -8.42 -3.66 -9.69
N PRO A 148 -8.52 -4.92 -10.15
CA PRO A 148 -7.75 -6.01 -9.54
C PRO A 148 -6.33 -6.18 -10.10
N ASP A 149 -5.95 -5.31 -11.03
CA ASP A 149 -4.79 -5.58 -11.89
C ASP A 149 -3.53 -5.97 -11.12
N ILE A 150 -3.15 -5.19 -10.10
CA ILE A 150 -1.86 -5.44 -9.44
C ILE A 150 -1.87 -6.80 -8.72
N PHE A 151 -3.03 -7.21 -8.22
CA PHE A 151 -3.13 -8.49 -7.51
C PHE A 151 -3.04 -9.65 -8.51
N ILE A 152 -3.71 -9.53 -9.67
CA ILE A 152 -3.60 -10.55 -10.71
C ILE A 152 -2.14 -10.68 -11.15
N ALA A 153 -1.50 -9.51 -11.35
CA ALA A 153 -0.12 -9.48 -11.80
C ALA A 153 0.79 -10.16 -10.79
N ALA A 154 0.58 -9.88 -9.50
CA ALA A 154 1.43 -10.42 -8.46
C ALA A 154 1.32 -11.95 -8.38
N ALA A 155 0.09 -12.44 -8.43
CA ALA A 155 -0.18 -13.87 -8.39
C ALA A 155 0.49 -14.54 -9.59
N HIS A 156 0.21 -14.00 -10.77
CA HIS A 156 0.78 -14.60 -11.99
C HIS A 156 2.32 -14.62 -11.94
N ALA A 157 2.91 -13.54 -11.45
CA ALA A 157 4.37 -13.43 -11.39
C ALA A 157 5.03 -14.50 -10.51
N VAL A 158 4.29 -15.10 -9.57
CA VAL A 158 4.85 -16.18 -8.77
C VAL A 158 4.25 -17.51 -9.20
N GLY A 159 3.58 -17.55 -10.36
CA GLY A 159 3.18 -18.81 -10.97
C GLY A 159 1.94 -19.41 -10.38
N VAL A 160 1.07 -18.59 -9.80
CA VAL A 160 -0.19 -19.07 -9.24
C VAL A 160 -1.37 -18.29 -9.80
N ALA A 161 -2.53 -18.94 -9.71
CA ALA A 161 -3.78 -18.23 -9.95
C ALA A 161 -4.15 -17.42 -8.72
N PRO A 162 -4.77 -16.25 -8.89
CA PRO A 162 -5.26 -15.52 -7.71
C PRO A 162 -6.10 -16.37 -6.78
N SER A 163 -6.89 -17.31 -7.33
CA SER A 163 -7.71 -18.19 -6.53
C SER A 163 -6.92 -19.07 -5.56
N GLU A 164 -5.59 -19.20 -5.77
CA GLU A 164 -4.73 -19.96 -4.89
C GLU A 164 -4.09 -19.05 -3.81
N SER A 165 -4.53 -17.78 -3.72
CA SER A 165 -3.78 -16.77 -2.99
C SER A 165 -4.64 -16.06 -1.94
N ILE A 166 -3.92 -15.55 -0.95
CA ILE A 166 -4.45 -14.58 0.02
C ILE A 166 -3.83 -13.23 -0.30
N GLY A 167 -4.67 -12.17 -0.25
CA GLY A 167 -4.19 -10.81 -0.36
C GLY A 167 -4.39 -10.06 0.94
N LEU A 168 -3.39 -9.26 1.32
CA LEU A 168 -3.42 -8.46 2.53
C LEU A 168 -3.44 -6.97 2.15
N GLU A 169 -4.39 -6.22 2.73
CA GLU A 169 -4.59 -4.82 2.39
C GLU A 169 -5.18 -4.07 3.58
N ASP A 170 -4.89 -2.76 3.59
CA ASP A 170 -5.42 -1.84 4.62
C ASP A 170 -6.44 -0.85 4.06
N SER A 171 -6.75 -0.90 2.77
CA SER A 171 -7.62 0.09 2.15
C SER A 171 -8.87 -0.55 1.56
N GLN A 172 -9.97 0.21 1.52
CA GLN A 172 -11.21 -0.32 0.99
C GLN A 172 -11.05 -0.69 -0.48
N ALA A 173 -10.44 0.21 -1.27
CA ALA A 173 -10.30 -0.04 -2.69
C ALA A 173 -9.40 -1.24 -2.92
N GLY A 174 -8.39 -1.42 -2.07
CA GLY A 174 -7.53 -2.54 -2.14
C GLY A 174 -8.20 -3.86 -1.85
N ILE A 175 -9.12 -3.86 -0.86
CA ILE A 175 -9.89 -5.03 -0.55
C ILE A 175 -10.74 -5.38 -1.77
N GLN A 176 -11.38 -4.38 -2.37
CA GLN A 176 -12.21 -4.65 -3.54
C GLN A 176 -11.35 -5.24 -4.68
N ALA A 177 -10.14 -4.69 -4.84
CA ALA A 177 -9.22 -5.20 -5.86
C ALA A 177 -8.90 -6.69 -5.62
N ILE A 178 -8.62 -7.03 -4.36
CA ILE A 178 -8.33 -8.42 -4.04
C ILE A 178 -9.54 -9.30 -4.37
N LYS A 179 -10.73 -8.88 -3.89
CA LYS A 179 -11.91 -9.67 -4.12
C LYS A 179 -12.06 -9.94 -5.63
N ASP A 180 -11.95 -8.87 -6.43
CA ASP A 180 -12.19 -8.99 -7.86
C ASP A 180 -11.10 -9.78 -8.57
N SER A 181 -9.91 -9.88 -7.98
CA SER A 181 -8.84 -10.66 -8.58
C SER A 181 -9.15 -12.15 -8.47
N GLY A 182 -9.91 -12.56 -7.44
CA GLY A 182 -10.17 -13.96 -7.15
C GLY A 182 -9.44 -14.50 -5.94
N ALA A 183 -8.53 -13.70 -5.41
CA ALA A 183 -7.78 -14.03 -4.20
C ALA A 183 -8.68 -13.78 -2.98
N LEU A 184 -8.26 -14.32 -1.85
CA LEU A 184 -9.00 -14.19 -0.59
C LEU A 184 -8.44 -13.00 0.19
N PRO A 185 -9.25 -11.95 0.45
CA PRO A 185 -8.74 -10.80 1.19
C PRO A 185 -8.76 -11.03 2.70
N ILE A 186 -7.72 -10.55 3.39
CA ILE A 186 -7.78 -10.35 4.82
C ILE A 186 -7.31 -8.95 5.07
N GLY A 187 -8.23 -8.13 5.55
CA GLY A 187 -7.93 -6.72 5.76
C GLY A 187 -7.34 -6.44 7.14
N VAL A 188 -6.65 -5.31 7.27
CA VAL A 188 -6.17 -4.79 8.53
C VAL A 188 -6.75 -3.39 8.67
N GLY A 189 -7.50 -3.19 9.75
CA GLY A 189 -8.27 -1.95 9.97
C GLY A 189 -9.60 -2.22 10.63
N ARG A 190 -10.66 -1.54 10.16
CA ARG A 190 -11.95 -1.72 10.75
C ARG A 190 -13.00 -1.84 9.66
N PRO A 191 -14.15 -2.51 9.95
CA PRO A 191 -15.13 -2.81 8.91
C PRO A 191 -15.85 -1.56 8.37
N GLU A 192 -15.93 -0.50 9.19
CA GLU A 192 -16.48 0.75 8.72
C GLU A 192 -15.81 1.22 7.43
N ASP A 193 -14.49 0.99 7.35
CA ASP A 193 -13.67 1.40 6.25
C ASP A 193 -13.64 0.31 5.18
N LEU A 194 -13.44 -0.94 5.62
CA LEU A 194 -13.07 -2.04 4.70
C LEU A 194 -14.25 -2.90 4.25
N GLY A 195 -15.38 -2.85 4.96
CA GLY A 195 -16.53 -3.70 4.70
C GLY A 195 -16.64 -4.77 5.77
N ASP A 196 -17.82 -5.39 5.84
CA ASP A 196 -18.09 -6.40 6.88
C ASP A 196 -18.28 -7.79 6.26
N ASP A 197 -17.90 -7.94 4.99
CA ASP A 197 -18.05 -9.21 4.28
C ASP A 197 -16.73 -9.97 4.15
N ILE A 198 -15.65 -9.43 4.71
N ILE A 198 -15.63 -9.43 4.70
CA ILE A 198 -14.33 -10.05 4.68
CA ILE A 198 -14.32 -10.06 4.65
C ILE A 198 -13.83 -10.18 6.11
C ILE A 198 -13.74 -10.10 6.06
N VAL A 199 -12.82 -11.04 6.29
CA VAL A 199 -12.10 -11.14 7.54
C VAL A 199 -11.18 -9.92 7.67
N ILE A 200 -11.22 -9.29 8.85
CA ILE A 200 -10.41 -8.13 9.15
C ILE A 200 -9.70 -8.39 10.49
N VAL A 201 -8.45 -7.97 10.57
CA VAL A 201 -7.70 -8.00 11.85
C VAL A 201 -7.44 -6.57 12.30
N PRO A 202 -7.32 -6.32 13.61
CA PRO A 202 -7.16 -4.93 14.08
C PRO A 202 -5.77 -4.32 13.81
N ASP A 203 -4.74 -5.16 13.73
CA ASP A 203 -3.38 -4.72 13.45
C ASP A 203 -2.57 -5.90 12.91
N THR A 204 -1.35 -5.62 12.40
CA THR A 204 -0.60 -6.61 11.66
C THR A 204 -0.04 -7.73 12.53
N SER A 205 -0.02 -7.56 13.86
CA SER A 205 0.46 -8.62 14.77
C SER A 205 -0.43 -9.88 14.62
N HIS A 206 -1.64 -9.69 14.09
CA HIS A 206 -2.59 -10.77 13.90
C HIS A 206 -2.36 -11.53 12.60
N TYR A 207 -1.56 -10.97 11.67
CA TYR A 207 -1.20 -11.67 10.47
C TYR A 207 -0.10 -12.70 10.76
N THR A 208 -0.53 -13.87 11.18
CA THR A 208 0.39 -15.01 11.44
C THR A 208 0.06 -16.11 10.45
N LEU A 209 1.02 -17.00 10.20
CA LEU A 209 0.74 -18.11 9.32
C LEU A 209 -0.42 -18.94 9.86
N GLU A 210 -0.43 -19.17 11.17
CA GLU A 210 -1.52 -19.98 11.75
C GLU A 210 -2.88 -19.31 11.49
N PHE A 211 -2.96 -17.99 11.63
CA PHE A 211 -4.24 -17.32 11.37
C PHE A 211 -4.64 -17.40 9.89
N LEU A 212 -3.68 -17.18 8.99
CA LEU A 212 -3.99 -17.26 7.56
C LEU A 212 -4.50 -18.68 7.22
N LYS A 213 -3.88 -19.71 7.80
CA LYS A 213 -4.32 -21.07 7.56
C LYS A 213 -5.76 -21.28 8.06
N GLU A 214 -6.07 -20.75 9.24
CA GLU A 214 -7.38 -20.85 9.82
C GLU A 214 -8.42 -20.22 8.89
N VAL A 215 -8.12 -19.03 8.41
CA VAL A 215 -9.04 -18.29 7.52
C VAL A 215 -9.24 -19.09 6.23
N TRP A 216 -8.15 -19.60 5.68
CA TRP A 216 -8.22 -20.35 4.43
C TRP A 216 -9.13 -21.57 4.60
N LEU A 217 -8.92 -22.33 5.67
CA LEU A 217 -9.68 -23.57 5.90
C LEU A 217 -11.17 -23.26 6.11
N GLN A 218 -11.48 -22.17 6.80
CA GLN A 218 -12.88 -21.74 7.04
C GLN A 218 -13.54 -21.49 5.66
N LYS A 219 -12.80 -20.86 4.75
CA LYS A 219 -13.27 -20.63 3.37
C LYS A 219 -13.34 -21.98 2.63
MG MG B . -1.94 0.11 1.73
NA NA C . 13.49 -13.25 -5.24
BE BEF D . -0.12 -0.33 -0.85
F1 BEF D . -0.51 0.14 -2.28
F2 BEF D . -0.72 0.61 0.24
F3 BEF D . 1.47 -0.26 -0.74
C1 EDO E . 11.49 -10.11 -6.09
O1 EDO E . 12.18 -11.20 -6.66
C2 EDO E . 12.44 -9.26 -5.27
O2 EDO E . 13.34 -8.50 -6.11
C1 EDO F . -10.88 -16.89 -2.75
O1 EDO F . -11.67 -17.64 -1.76
C2 EDO F . -9.60 -17.68 -3.00
O2 EDO F . -9.91 -18.99 -3.55
C1 EDO G . -0.46 11.10 9.12
O1 EDO G . -1.36 11.57 10.14
C2 EDO G . 0.11 9.72 9.41
O2 EDO G . -1.01 8.79 9.43
C1 EDO H . -1.50 -2.36 11.91
O1 EDO H . -2.00 -1.10 11.48
C2 EDO H . -0.15 -2.01 12.53
O2 EDO H . 0.47 -3.20 12.96
#